data_6JQ5
#
_entry.id   6JQ5
#
_cell.length_a   40.582
_cell.length_b   104.275
_cell.length_c   126.862
_cell.angle_alpha   90.00
_cell.angle_beta   90.00
_cell.angle_gamma   90.00
#
_symmetry.space_group_name_H-M   'P 21 21 21'
#
loop_
_entity.id
_entity.type
_entity.pdbx_description
1 polymer 'RNA (82-MER)'
2 non-polymer 'MAGNESIUM ION'
3 water water
#
_entity_poly.entity_id   1
_entity_poly.type   'polyribonucleotide'
_entity_poly.pdbx_seq_one_letter_code
;UUACUGUGAGAAUCAGUAACAAACAUGUGGGGCUUAUAUCUAAUCGAAAGAUUAGUAUUAGUGCAGACGUUAAAACCAUG
UC
;
_entity_poly.pdbx_strand_id   A,B
#
loop_
_chem_comp.id
_chem_comp.type
_chem_comp.name
_chem_comp.formula
A RNA linking ADENOSINE-5'-MONOPHOSPHATE 'C10 H14 N5 O7 P'
C RNA linking CYTIDINE-5'-MONOPHOSPHATE 'C9 H14 N3 O8 P'
G RNA linking GUANOSINE-5'-MONOPHOSPHATE 'C10 H14 N5 O8 P'
MG non-polymer 'MAGNESIUM ION' 'Mg 2'
U RNA linking URIDINE-5'-MONOPHOSPHATE 'C9 H13 N2 O9 P'
#
# COMPACT_ATOMS: atom_id res chain seq x y z
MG MG C . 0.00 0.00 0.00
#